data_1V0R
#
_entry.id   1V0R
#
_cell.length_a   57.610
_cell.length_b   56.900
_cell.length_c   68.950
_cell.angle_alpha   90.00
_cell.angle_beta   93.67
_cell.angle_gamma   90.00
#
_symmetry.space_group_name_H-M   'P 1 21 1'
#
loop_
_entity.id
_entity.type
_entity.pdbx_description
1 polymer 'PHOSPHOLIPASE D'
2 non-polymer 'TUNGSTATE(VI) ION'
3 water water
#
_entity_poly.entity_id   1
_entity_poly.type   'polypeptide(L)'
_entity_poly.pdbx_seq_one_letter_code
;ADSATPHLDAVEQTLRQVSPGLEGDVWERTSGNKLDGSAADPSDWLLQTPGCWGDDKCADRVGTKRLLAKMTENIGNATR
TVDISTLAPFPNGAFQDAIVAGLKESAAKGNKLKVRILVGAAPVYHMNVIPSKYRDELTAKLGKAAENITLNVASMTTSK
TAFSWNHSKILVVDGQSALTGGINSWKDDYLDTTHPVSDVDLALTGPAAGSAGRYLDTLWTWTCQNKSNIASVWFAASGN
AGCMPTMHKDTNPKASPATGNVPVIAVGGLGVGIKDVDPKSTFRPDLPTASDTKCVVGLHDNTNADRDYDTVNPEESALR
ALVASAKGHIEISQQDLNATCPPLPRYDIRLYDALAAKMAAGVKVRIVVSDPANRGAVGSGGYSQIKSLSEISDTLRNRL
ANITGGQQAAKTAMCSNLQLATFRSSPNGKWADGHPYAQHHKLVSVDSSTFYIGSKNLYPSWLQDFGYIVESPEAAKQLD
AKLLDPQWKYSQETATVDYARGICNA
;
_entity_poly.pdbx_strand_id   A
#
loop_
_chem_comp.id
_chem_comp.type
_chem_comp.name
_chem_comp.formula
WO5 non-polymer 'TUNGSTATE(VI) ION' 'H5 O5 W'
#
# COMPACT_ATOMS: atom_id res chain seq x y z
N SER A 3 -10.78 -18.47 18.42
CA SER A 3 -10.78 -17.07 17.93
C SER A 3 -11.61 -16.84 16.66
N ALA A 4 -12.24 -15.67 16.65
CA ALA A 4 -12.94 -15.16 15.48
C ALA A 4 -11.93 -14.65 14.47
N THR A 5 -10.69 -14.44 14.92
CA THR A 5 -9.66 -13.74 14.10
C THR A 5 -8.34 -14.51 14.01
N PRO A 6 -8.37 -15.74 13.50
CA PRO A 6 -7.12 -16.53 13.49
C PRO A 6 -5.99 -15.90 12.65
N HIS A 7 -6.32 -15.18 11.59
CA HIS A 7 -5.29 -14.59 10.73
C HIS A 7 -4.61 -13.41 11.43
N LEU A 8 -5.39 -12.46 11.97
CA LEU A 8 -4.78 -11.38 12.73
C LEU A 8 -4.02 -11.87 13.94
N ASP A 9 -4.52 -12.92 14.58
CA ASP A 9 -3.87 -13.42 15.77
C ASP A 9 -2.42 -13.83 15.43
N ALA A 10 -2.27 -14.58 14.34
CA ALA A 10 -0.97 -15.00 13.85
C ALA A 10 -0.06 -13.85 13.48
N VAL A 11 -0.59 -12.91 12.69
CA VAL A 11 0.19 -11.75 12.31
C VAL A 11 0.67 -10.94 13.51
N GLU A 12 -0.25 -10.72 14.45
CA GLU A 12 0.05 -9.97 15.67
C GLU A 12 1.17 -10.64 16.47
N GLN A 13 1.13 -11.97 16.59
CA GLN A 13 2.18 -12.67 17.33
C GLN A 13 3.55 -12.50 16.65
N THR A 14 3.57 -12.48 15.31
CA THR A 14 4.81 -12.21 14.61
C THR A 14 5.29 -10.77 14.85
N LEU A 15 4.40 -9.79 14.71
CA LEU A 15 4.83 -8.39 14.88
C LEU A 15 5.41 -8.08 16.26
N ARG A 16 4.87 -8.74 17.28
CA ARG A 16 5.28 -8.49 18.62
C ARG A 16 6.68 -9.04 18.85
N GLN A 17 7.05 -10.09 18.14
CA GLN A 17 8.43 -10.56 18.17
C GLN A 17 9.39 -9.79 17.33
N VAL A 18 8.94 -9.35 16.17
CA VAL A 18 9.80 -8.56 15.28
C VAL A 18 10.09 -7.15 15.78
N SER A 19 9.03 -6.41 16.12
CA SER A 19 9.10 -4.99 16.39
C SER A 19 8.36 -4.54 17.66
N PRO A 20 8.66 -5.13 18.84
CA PRO A 20 7.88 -4.78 20.04
C PRO A 20 7.94 -3.31 20.39
N GLY A 21 9.05 -2.65 20.16
CA GLY A 21 9.21 -1.25 20.54
C GLY A 21 8.46 -0.30 19.67
N LEU A 22 8.02 -0.79 18.53
CA LEU A 22 7.28 0.08 17.58
C LEU A 22 5.76 -0.11 17.73
N GLU A 23 5.31 -1.00 18.60
CA GLU A 23 3.87 -1.24 18.77
C GLU A 23 3.23 0.07 19.26
N GLY A 24 2.13 0.48 18.62
CA GLY A 24 1.43 1.73 18.87
C GLY A 24 1.68 2.78 17.81
N ASP A 25 2.93 2.80 17.29
CA ASP A 25 3.37 3.88 16.44
C ASP A 25 3.59 3.50 15.00
N VAL A 26 4.30 2.38 14.78
CA VAL A 26 4.53 1.89 13.40
C VAL A 26 3.69 0.66 13.03
N TRP A 27 3.23 -0.07 14.03
CA TRP A 27 2.16 -1.07 13.83
C TRP A 27 1.25 -1.08 15.06
N GLU A 28 0.01 -1.49 14.89
CA GLU A 28 -0.91 -1.52 15.99
C GLU A 28 -2.17 -2.32 15.68
N ARG A 29 -2.58 -3.19 16.58
CA ARG A 29 -3.84 -3.86 16.42
C ARG A 29 -4.94 -3.08 17.17
N THR A 30 -6.06 -2.84 16.45
CA THR A 30 -7.25 -2.23 17.07
C THR A 30 -8.51 -2.98 16.78
N SER A 31 -9.49 -2.73 17.63
CA SER A 31 -10.84 -3.23 17.44
C SER A 31 -11.80 -2.06 17.24
N GLY A 32 -13.01 -2.38 16.82
CA GLY A 32 -14.07 -1.40 16.81
C GLY A 32 -14.10 -0.45 15.63
N ASN A 33 -13.49 -0.86 14.53
CA ASN A 33 -13.47 -0.04 13.31
C ASN A 33 -14.65 -0.31 12.39
N LYS A 34 -14.75 0.45 11.29
CA LYS A 34 -15.82 0.30 10.30
C LYS A 34 -15.20 0.54 8.93
N LEU A 35 -15.49 -0.33 7.98
CA LEU A 35 -15.23 -0.05 6.57
C LEU A 35 -16.30 0.94 6.13
N ASP A 36 -15.85 2.07 5.60
CA ASP A 36 -16.73 3.24 5.48
C ASP A 36 -17.45 3.31 4.13
N GLY A 37 -18.39 2.41 3.89
CA GLY A 37 -19.12 2.41 2.62
C GLY A 37 -20.47 3.13 2.78
N SER A 38 -21.12 3.40 1.64
CA SER A 38 -22.39 4.13 1.64
C SER A 38 -23.54 3.13 1.94
N ALA A 39 -24.68 3.68 2.30
CA ALA A 39 -25.88 2.89 2.51
C ALA A 39 -26.32 2.22 1.21
N ALA A 40 -26.19 2.93 0.11
CA ALA A 40 -26.67 2.43 -1.16
C ALA A 40 -25.80 1.31 -1.74
N ASP A 41 -24.48 1.36 -1.50
CA ASP A 41 -23.50 0.44 -2.16
C ASP A 41 -22.47 0.16 -1.04
N PRO A 42 -22.80 -0.72 -0.09
CA PRO A 42 -21.97 -0.92 1.10
C PRO A 42 -20.56 -1.38 0.81
N SER A 43 -20.28 -1.92 -0.37
CA SER A 43 -18.89 -2.25 -0.73
C SER A 43 -18.04 -1.07 -1.13
N ASP A 44 -18.58 0.12 -1.19
CA ASP A 44 -17.80 1.24 -1.75
C ASP A 44 -16.88 1.93 -0.72
N TRP A 45 -16.63 1.25 0.39
CA TRP A 45 -15.37 1.50 1.11
C TRP A 45 -14.14 1.13 0.23
N LEU A 46 -14.35 0.24 -0.73
CA LEU A 46 -13.29 -0.25 -1.58
C LEU A 46 -13.10 0.76 -2.72
N LEU A 47 -12.14 1.65 -2.54
CA LEU A 47 -11.93 2.81 -3.42
C LEU A 47 -10.97 2.37 -4.53
N GLN A 48 -11.48 1.51 -5.38
CA GLN A 48 -10.78 1.12 -6.61
C GLN A 48 -10.90 2.20 -7.67
N THR A 49 -9.90 2.25 -8.55
CA THR A 49 -9.92 3.13 -9.69
C THR A 49 -9.29 2.39 -10.85
N PRO A 50 -9.81 2.54 -12.07
CA PRO A 50 -10.96 3.38 -12.44
C PRO A 50 -12.36 2.79 -12.17
N GLY A 51 -12.46 1.49 -11.98
CA GLY A 51 -13.77 0.88 -11.80
C GLY A 51 -14.60 1.04 -13.07
N CYS A 52 -14.06 0.54 -14.17
CA CYS A 52 -14.77 0.48 -15.46
C CYS A 52 -14.65 -0.92 -16.08
N TRP A 53 -14.98 -1.92 -15.28
CA TRP A 53 -14.86 -3.29 -15.68
C TRP A 53 -15.67 -3.57 -16.96
N GLY A 54 -15.05 -4.29 -17.87
CA GLY A 54 -15.67 -4.79 -19.08
C GLY A 54 -15.55 -3.87 -20.27
N ASP A 55 -15.11 -2.63 -20.09
CA ASP A 55 -15.16 -1.62 -21.13
C ASP A 55 -13.73 -1.15 -21.44
N ASP A 56 -13.21 -1.56 -22.59
CA ASP A 56 -11.89 -1.10 -23.02
C ASP A 56 -11.75 0.39 -23.33
N LYS A 57 -12.86 1.13 -23.35
CA LYS A 57 -12.80 2.57 -23.42
C LYS A 57 -12.96 3.28 -22.08
N CYS A 58 -13.23 2.53 -21.02
CA CYS A 58 -13.36 3.13 -19.68
C CYS A 58 -14.27 4.35 -19.61
N ALA A 59 -15.47 4.21 -20.18
CA ALA A 59 -16.39 5.35 -20.27
C ALA A 59 -16.98 5.77 -18.95
N ASP A 60 -17.37 4.79 -18.15
CA ASP A 60 -18.13 5.04 -16.92
C ASP A 60 -17.23 4.65 -15.74
N ARG A 61 -16.49 5.62 -15.22
CA ARG A 61 -15.46 5.33 -14.20
C ARG A 61 -16.05 5.52 -12.83
N VAL A 62 -16.88 4.57 -12.43
CA VAL A 62 -17.61 4.69 -11.17
C VAL A 62 -16.63 4.68 -9.97
N GLY A 63 -15.52 3.98 -10.16
CA GLY A 63 -14.44 3.91 -9.17
C GLY A 63 -13.81 5.27 -8.95
N THR A 64 -13.31 5.86 -10.03
CA THR A 64 -12.70 7.18 -9.95
C THR A 64 -13.63 8.18 -9.32
N LYS A 65 -14.90 8.22 -9.76
CA LYS A 65 -15.87 9.20 -9.25
C LYS A 65 -16.01 9.05 -7.74
N ARG A 66 -16.12 7.81 -7.29
CA ARG A 66 -16.33 7.54 -5.85
C ARG A 66 -15.04 7.90 -5.06
N LEU A 67 -13.89 7.62 -5.61
CA LEU A 67 -12.63 7.98 -4.94
C LEU A 67 -12.50 9.48 -4.70
N LEU A 68 -12.75 10.31 -5.72
CA LEU A 68 -12.64 11.74 -5.55
C LEU A 68 -13.71 12.34 -4.64
N ALA A 69 -14.93 11.84 -4.75
CA ALA A 69 -16.03 12.27 -3.91
C ALA A 69 -15.73 11.96 -2.42
N LYS A 70 -15.15 10.79 -2.16
CA LYS A 70 -14.86 10.34 -0.79
C LYS A 70 -13.71 11.15 -0.18
N MET A 71 -12.70 11.47 -0.99
CA MET A 71 -11.68 12.38 -0.57
C MET A 71 -12.29 13.70 -0.10
N THR A 72 -13.18 14.27 -0.93
CA THR A 72 -13.78 15.54 -0.62
C THR A 72 -14.69 15.51 0.59
N GLU A 73 -15.50 14.48 0.67
CA GLU A 73 -16.41 14.26 1.77
C GLU A 73 -15.65 14.14 3.12
N ASN A 74 -14.58 13.32 3.14
CA ASN A 74 -13.83 13.11 4.39
C ASN A 74 -13.17 14.38 4.82
N ILE A 75 -12.54 15.12 3.91
CA ILE A 75 -11.89 16.40 4.25
C ILE A 75 -12.90 17.46 4.68
N GLY A 76 -14.05 17.47 4.01
CA GLY A 76 -15.10 18.44 4.30
C GLY A 76 -15.77 18.29 5.64
N ASN A 77 -15.63 17.09 6.22
CA ASN A 77 -16.05 16.76 7.56
C ASN A 77 -15.01 17.03 8.65
N ALA A 78 -13.82 17.54 8.29
CA ALA A 78 -12.79 17.87 9.28
C ALA A 78 -13.25 18.94 10.26
N THR A 79 -13.00 18.69 11.55
CA THR A 79 -13.10 19.73 12.55
C THR A 79 -11.81 20.14 13.18
N ARG A 80 -10.73 19.35 13.01
CA ARG A 80 -9.46 19.69 13.63
C ARG A 80 -8.18 19.52 12.76
N THR A 81 -8.01 18.36 12.13
CA THR A 81 -6.79 18.01 11.40
C THR A 81 -7.08 17.28 10.09
N VAL A 82 -6.20 17.53 9.15
CA VAL A 82 -6.10 16.80 7.91
C VAL A 82 -4.62 16.46 7.69
N ASP A 83 -4.32 15.17 7.47
CA ASP A 83 -2.95 14.64 7.50
C ASP A 83 -2.79 13.81 6.23
N ILE A 84 -1.94 14.25 5.31
CA ILE A 84 -1.80 13.65 3.99
C ILE A 84 -0.35 13.30 3.75
N SER A 85 -0.13 12.06 3.30
CA SER A 85 1.18 11.64 2.77
C SER A 85 1.00 11.05 1.37
N THR A 86 2.02 11.19 0.53
CA THR A 86 2.04 10.58 -0.78
C THR A 86 3.47 10.60 -1.33
N LEU A 87 3.64 10.11 -2.55
CA LEU A 87 4.92 10.14 -3.27
C LEU A 87 4.87 11.31 -4.26
N ALA A 88 5.94 12.09 -4.31
CA ALA A 88 6.00 13.26 -5.23
C ALA A 88 5.87 12.80 -6.67
N PRO A 89 5.30 13.64 -7.54
CA PRO A 89 4.78 14.99 -7.22
C PRO A 89 3.58 15.16 -6.28
N PHE A 90 3.46 16.38 -5.74
CA PHE A 90 2.35 16.80 -4.88
C PHE A 90 1.03 16.63 -5.63
N PRO A 91 -0.09 16.44 -4.92
CA PRO A 91 -1.37 16.23 -5.61
C PRO A 91 -1.66 17.29 -6.69
N ASN A 92 -2.14 16.83 -7.82
CA ASN A 92 -2.58 17.78 -8.87
C ASN A 92 -3.91 17.39 -9.50
N GLY A 93 -4.34 18.16 -10.52
CA GLY A 93 -5.59 17.89 -11.19
C GLY A 93 -6.72 17.77 -10.22
N ALA A 94 -7.59 16.79 -10.48
CA ALA A 94 -8.84 16.68 -9.73
C ALA A 94 -8.58 16.15 -8.29
N PHE A 95 -7.40 15.58 -8.06
CA PHE A 95 -6.97 15.18 -6.69
C PHE A 95 -6.81 16.45 -5.84
N GLN A 96 -6.06 17.43 -6.38
CA GLN A 96 -5.88 18.71 -5.71
C GLN A 96 -7.21 19.43 -5.58
N ASP A 97 -8.05 19.41 -6.63
CA ASP A 97 -9.38 20.00 -6.56
C ASP A 97 -10.20 19.43 -5.42
N ALA A 98 -10.12 18.11 -5.21
CA ALA A 98 -10.87 17.45 -4.14
C ALA A 98 -10.43 17.92 -2.74
N ILE A 99 -9.12 18.08 -2.57
CA ILE A 99 -8.54 18.57 -1.33
C ILE A 99 -8.97 20.00 -1.07
N VAL A 100 -8.90 20.85 -2.09
CA VAL A 100 -9.27 22.25 -1.96
C VAL A 100 -10.72 22.39 -1.57
N ALA A 101 -11.58 21.67 -2.28
CA ALA A 101 -13.03 21.71 -2.05
C ALA A 101 -13.37 21.26 -0.63
N GLY A 102 -12.72 20.18 -0.18
CA GLY A 102 -12.92 19.74 1.19
C GLY A 102 -12.50 20.74 2.24
N LEU A 103 -11.35 21.36 2.05
CA LEU A 103 -10.85 22.37 2.98
C LEU A 103 -11.75 23.59 3.03
N LYS A 104 -12.24 24.03 1.87
CA LYS A 104 -13.22 25.14 1.83
C LYS A 104 -14.49 24.78 2.54
N GLU A 105 -14.98 23.56 2.35
CA GLU A 105 -16.21 23.12 3.03
C GLU A 105 -16.07 23.12 4.57
N SER A 106 -14.95 22.59 5.06
CA SER A 106 -14.69 22.58 6.50
C SER A 106 -14.58 24.01 7.07
N ALA A 107 -13.85 24.88 6.38
CA ALA A 107 -13.74 26.29 6.74
C ALA A 107 -15.12 27.01 6.79
N ALA A 108 -15.99 26.71 5.85
CA ALA A 108 -17.34 27.27 5.83
C ALA A 108 -18.26 26.79 6.96
N LYS A 109 -17.97 25.59 7.49
CA LYS A 109 -18.70 25.07 8.66
C LYS A 109 -18.13 25.67 9.98
N GLY A 110 -17.20 26.62 9.91
CA GLY A 110 -16.66 27.34 11.05
C GLY A 110 -15.37 26.79 11.68
N ASN A 111 -14.81 25.74 11.07
CA ASN A 111 -13.66 25.03 11.66
C ASN A 111 -12.30 25.64 11.38
N LYS A 112 -11.40 25.58 12.38
CA LYS A 112 -9.99 25.99 12.27
C LYS A 112 -9.11 24.72 12.24
N LEU A 113 -8.34 24.54 11.17
CA LEU A 113 -7.69 23.25 10.89
C LEU A 113 -6.17 23.34 10.93
N LYS A 114 -5.54 22.28 11.42
CA LYS A 114 -4.15 22.08 11.18
C LYS A 114 -4.03 21.09 10.04
N VAL A 115 -3.10 21.31 9.13
CA VAL A 115 -2.97 20.47 7.95
C VAL A 115 -1.49 20.16 7.68
N ARG A 116 -1.17 18.87 7.45
CA ARG A 116 0.17 18.43 7.07
C ARG A 116 0.10 17.69 5.74
N ILE A 117 1.02 17.99 4.83
CA ILE A 117 1.14 17.31 3.55
C ILE A 117 2.59 16.95 3.32
N LEU A 118 2.87 15.64 3.33
CA LEU A 118 4.23 15.14 3.27
C LEU A 118 4.42 14.28 2.05
N VAL A 119 5.50 14.53 1.31
CA VAL A 119 5.86 13.73 0.15
C VAL A 119 7.26 13.20 0.27
N GLY A 120 7.47 11.98 -0.20
CA GLY A 120 8.81 11.46 -0.43
C GLY A 120 9.32 11.81 -1.81
N ALA A 121 10.61 12.09 -1.92
CA ALA A 121 11.20 12.42 -3.24
C ALA A 121 12.66 11.96 -3.35
N ALA A 122 13.10 11.76 -4.59
CA ALA A 122 14.50 11.41 -4.88
C ALA A 122 15.43 12.58 -4.59
N VAL A 129 12.43 24.46 -3.80
CA VAL A 129 11.40 25.25 -4.51
C VAL A 129 10.01 24.59 -4.60
N ILE A 130 9.96 23.27 -4.82
CA ILE A 130 8.69 22.57 -4.93
C ILE A 130 7.73 22.82 -3.71
N PRO A 131 8.08 22.47 -2.47
CA PRO A 131 7.14 22.67 -1.36
C PRO A 131 6.57 24.08 -1.23
N SER A 132 7.39 25.12 -1.35
CA SER A 132 6.88 26.49 -1.12
C SER A 132 5.92 26.89 -2.22
N LYS A 133 6.23 26.47 -3.44
CA LYS A 133 5.33 26.62 -4.59
C LYS A 133 4.01 25.90 -4.39
N TYR A 134 4.05 24.65 -3.91
CA TYR A 134 2.81 23.94 -3.67
C TYR A 134 1.98 24.60 -2.57
N ARG A 135 2.61 25.04 -1.49
CA ARG A 135 1.94 25.76 -0.40
C ARG A 135 1.22 27.01 -0.96
N ASP A 136 1.94 27.77 -1.76
CA ASP A 136 1.41 29.02 -2.33
C ASP A 136 0.24 28.80 -3.28
N GLU A 137 0.29 27.74 -4.06
CA GLU A 137 -0.77 27.37 -4.97
C GLU A 137 -2.02 27.00 -4.19
N LEU A 138 -1.82 26.19 -3.15
CA LEU A 138 -2.94 25.76 -2.35
C LEU A 138 -3.56 26.93 -1.65
N THR A 139 -2.71 27.80 -1.10
CA THR A 139 -3.14 28.98 -0.35
C THR A 139 -3.98 29.92 -1.27
N ALA A 140 -3.53 30.06 -2.50
CA ALA A 140 -4.24 30.92 -3.48
C ALA A 140 -5.60 30.33 -3.79
N LYS A 141 -5.65 29.01 -3.99
CA LYS A 141 -6.88 28.37 -4.38
C LYS A 141 -7.90 28.37 -3.23
N LEU A 142 -7.41 28.43 -1.99
CA LEU A 142 -8.30 28.42 -0.82
C LEU A 142 -8.99 29.76 -0.58
N GLY A 143 -8.33 30.85 -0.97
CA GLY A 143 -8.87 32.18 -0.73
C GLY A 143 -9.05 32.49 0.74
N LYS A 144 -10.20 33.03 1.11
CA LYS A 144 -10.53 33.31 2.52
C LYS A 144 -10.50 32.10 3.45
N ALA A 145 -10.71 30.90 2.91
CA ALA A 145 -10.61 29.65 3.69
C ALA A 145 -9.20 29.42 4.28
N ALA A 146 -8.17 29.99 3.66
CA ALA A 146 -6.79 29.86 4.11
C ALA A 146 -6.54 30.54 5.45
N GLU A 147 -7.36 31.53 5.79
CA GLU A 147 -7.25 32.24 7.06
C GLU A 147 -7.53 31.27 8.24
N ASN A 148 -8.25 30.20 7.97
CA ASN A 148 -8.66 29.18 8.95
C ASN A 148 -7.60 28.03 9.14
N ILE A 149 -6.52 28.02 8.37
CA ILE A 149 -5.70 26.81 8.21
C ILE A 149 -4.28 27.05 8.60
N THR A 150 -3.73 26.18 9.44
CA THR A 150 -2.30 26.20 9.75
C THR A 150 -1.69 25.05 8.92
N LEU A 151 -0.87 25.39 7.93
CA LEU A 151 -0.40 24.45 6.92
C LEU A 151 1.09 24.15 7.06
N ASN A 152 1.45 22.85 6.96
CA ASN A 152 2.85 22.41 6.80
C ASN A 152 2.96 21.57 5.53
N VAL A 153 3.95 21.82 4.69
CA VAL A 153 4.15 21.10 3.46
C VAL A 153 5.64 20.74 3.40
N ALA A 154 6.01 19.49 3.07
CA ALA A 154 7.41 19.08 3.04
C ALA A 154 7.66 17.94 2.08
N SER A 155 8.87 17.93 1.48
CA SER A 155 9.44 16.85 0.71
C SER A 155 10.61 16.31 1.53
N MET A 156 10.80 15.00 1.55
CA MET A 156 11.86 14.38 2.36
C MET A 156 12.51 13.15 1.70
N THR A 157 13.79 12.96 2.01
CA THR A 157 14.62 11.83 1.60
C THR A 157 15.34 11.38 2.86
N THR A 158 15.17 10.11 3.24
CA THR A 158 15.78 9.61 4.47
C THR A 158 17.14 8.96 4.20
N SER A 159 17.31 8.38 3.01
CA SER A 159 18.60 7.82 2.58
C SER A 159 18.80 7.93 1.09
N LYS A 160 19.81 8.67 0.65
CA LYS A 160 20.15 8.68 -0.80
C LYS A 160 20.69 7.33 -1.26
N THR A 161 21.60 6.73 -0.50
CA THR A 161 22.18 5.45 -0.88
C THR A 161 21.24 4.21 -0.83
N ALA A 162 20.20 4.22 0.00
CA ALA A 162 19.21 3.12 -0.03
C ALA A 162 17.94 3.49 -0.78
N PHE A 163 17.94 4.68 -1.35
CA PHE A 163 16.83 5.19 -2.14
C PHE A 163 15.57 5.20 -1.27
N SER A 164 15.71 5.70 -0.06
CA SER A 164 14.65 5.63 0.92
C SER A 164 14.00 7.00 1.15
N TRP A 165 12.67 7.04 1.02
CA TRP A 165 11.87 8.23 1.26
C TRP A 165 10.39 7.83 1.42
N ASN A 166 9.54 8.76 1.81
CA ASN A 166 8.12 8.36 2.01
C ASN A 166 7.48 7.79 0.75
N HIS A 167 6.70 6.71 0.81
CA HIS A 167 6.03 6.06 -0.28
C HIS A 167 4.60 5.79 0.21
N SER A 168 4.28 6.07 1.49
CA SER A 168 2.90 5.89 1.96
C SER A 168 1.98 6.88 1.28
N LYS A 169 0.72 6.42 1.10
CA LYS A 169 -0.33 7.26 0.50
C LYS A 169 -1.51 7.19 1.48
N ILE A 170 -1.59 8.20 2.34
CA ILE A 170 -2.54 8.23 3.43
C ILE A 170 -3.26 9.54 3.46
N LEU A 171 -4.55 9.52 3.77
CA LEU A 171 -5.34 10.71 4.08
C LEU A 171 -6.12 10.44 5.35
N VAL A 172 -5.74 11.09 6.46
CA VAL A 172 -6.38 10.91 7.74
C VAL A 172 -7.00 12.22 8.13
N VAL A 173 -8.27 12.18 8.53
CA VAL A 173 -8.97 13.36 9.00
C VAL A 173 -9.45 13.17 10.45
N ASP A 174 -9.10 14.12 11.31
CA ASP A 174 -9.39 14.17 12.74
C ASP A 174 -8.95 12.93 13.53
N GLY A 175 -7.96 12.24 12.99
CA GLY A 175 -7.61 10.93 13.55
C GLY A 175 -8.72 9.91 13.55
N GLN A 176 -9.76 10.14 12.76
CA GLN A 176 -11.04 9.43 12.85
C GLN A 176 -11.33 8.64 11.57
N SER A 177 -11.08 9.26 10.41
CA SER A 177 -11.24 8.62 9.13
C SER A 177 -9.91 8.47 8.39
N ALA A 178 -9.75 7.37 7.68
CA ALA A 178 -8.51 7.14 6.93
C ALA A 178 -8.72 6.51 5.58
N LEU A 179 -8.09 7.07 4.57
CA LEU A 179 -8.01 6.48 3.25
C LEU A 179 -6.57 6.14 2.99
N THR A 180 -6.30 4.93 2.58
CA THR A 180 -4.93 4.54 2.21
C THR A 180 -4.93 3.45 1.20
N GLY A 181 -3.83 3.30 0.49
CA GLY A 181 -3.68 2.29 -0.53
C GLY A 181 -2.51 2.61 -1.44
N GLY A 182 -2.66 2.25 -2.70
CA GLY A 182 -1.56 2.39 -3.64
C GLY A 182 -1.63 3.66 -4.49
N ILE A 183 -2.68 4.44 -4.34
CA ILE A 183 -3.00 5.56 -5.29
C ILE A 183 -2.22 6.84 -5.00
N ASN A 184 -1.31 7.15 -5.91
CA ASN A 184 -0.66 8.47 -5.94
C ASN A 184 -1.61 9.47 -6.57
N SER A 185 -1.47 10.73 -6.20
CA SER A 185 -2.43 11.75 -6.57
C SER A 185 -1.95 12.42 -7.85
N TRP A 186 -1.78 11.60 -8.88
CA TRP A 186 -1.15 11.99 -10.16
C TRP A 186 -2.17 11.98 -11.29
N LYS A 187 -2.62 13.16 -11.70
CA LYS A 187 -3.71 13.26 -12.69
C LYS A 187 -3.41 12.57 -14.03
N ASP A 188 -2.17 12.65 -14.52
CA ASP A 188 -1.85 12.09 -15.82
C ASP A 188 -1.93 10.55 -15.85
N ASP A 189 -1.48 9.89 -14.80
CA ASP A 189 -1.52 8.44 -14.76
C ASP A 189 -2.91 7.86 -14.42
N TYR A 190 -3.68 8.53 -13.59
CA TYR A 190 -4.93 7.98 -13.10
C TYR A 190 -6.21 8.55 -13.72
N LEU A 191 -6.20 9.81 -14.18
CA LEU A 191 -7.43 10.56 -14.45
C LEU A 191 -7.58 10.96 -15.95
N ASP A 192 -6.73 11.88 -16.38
CA ASP A 192 -6.88 12.46 -17.74
C ASP A 192 -6.05 11.61 -18.72
N THR A 193 -6.61 10.45 -19.00
CA THR A 193 -5.97 9.44 -19.81
C THR A 193 -7.00 8.40 -20.19
N THR A 194 -6.85 7.87 -21.41
CA THR A 194 -7.71 6.78 -21.86
C THR A 194 -7.10 5.45 -21.56
N HIS A 195 -5.96 5.45 -20.83
CA HIS A 195 -5.41 4.19 -20.32
C HIS A 195 -5.09 4.38 -18.82
N PRO A 196 -6.10 4.61 -18.03
CA PRO A 196 -5.86 4.80 -16.59
C PRO A 196 -5.23 3.59 -15.86
N VAL A 197 -4.38 3.90 -14.90
CA VAL A 197 -3.81 2.93 -13.99
C VAL A 197 -4.92 2.37 -13.09
N SER A 198 -4.85 1.08 -12.86
CA SER A 198 -5.78 0.36 -12.06
C SER A 198 -5.12 0.12 -10.69
N ASP A 199 -5.82 0.55 -9.66
CA ASP A 199 -5.25 0.62 -8.31
C ASP A 199 -6.38 0.62 -7.31
N VAL A 200 -6.03 0.61 -6.04
CA VAL A 200 -7.08 0.54 -5.00
C VAL A 200 -6.59 1.16 -3.68
N ASP A 201 -7.48 1.92 -3.07
CA ASP A 201 -7.41 2.37 -1.67
C ASP A 201 -8.60 1.76 -0.89
N LEU A 202 -8.51 1.75 0.42
CA LEU A 202 -9.71 1.54 1.24
C LEU A 202 -10.01 2.78 2.07
N ALA A 203 -11.27 2.91 2.49
CA ALA A 203 -11.76 3.96 3.40
C ALA A 203 -12.26 3.29 4.69
N LEU A 204 -11.73 3.69 5.86
CA LEU A 204 -12.24 3.20 7.15
C LEU A 204 -12.38 4.34 8.11
N THR A 205 -13.05 4.03 9.21
CA THR A 205 -13.11 4.91 10.35
C THR A 205 -12.89 4.10 11.60
N GLY A 206 -12.55 4.79 12.67
CA GLY A 206 -12.33 4.16 13.96
C GLY A 206 -10.90 4.25 14.46
N PRO A 207 -10.58 3.50 15.52
CA PRO A 207 -9.26 3.54 16.15
C PRO A 207 -8.09 3.33 15.19
N ALA A 208 -8.30 2.55 14.15
CA ALA A 208 -7.24 2.27 13.15
C ALA A 208 -6.86 3.55 12.38
N ALA A 209 -7.76 4.54 12.29
CA ALA A 209 -7.36 5.84 11.77
C ALA A 209 -6.33 6.55 12.68
N GLY A 210 -6.49 6.37 13.99
CA GLY A 210 -5.55 6.84 15.01
C GLY A 210 -4.17 6.26 14.79
N SER A 211 -4.15 4.96 14.48
CA SER A 211 -2.90 4.29 14.16
C SER A 211 -2.10 4.96 13.02
N ALA A 212 -2.81 5.35 11.97
CA ALA A 212 -2.23 6.07 10.86
C ALA A 212 -1.71 7.43 11.25
N GLY A 213 -2.48 8.14 12.06
CA GLY A 213 -2.05 9.39 12.66
C GLY A 213 -0.77 9.27 13.47
N ARG A 214 -0.64 8.16 14.23
CA ARG A 214 0.59 7.98 14.99
C ARG A 214 1.74 7.61 14.09
N TYR A 215 1.49 6.92 12.98
CA TYR A 215 2.52 6.61 12.00
C TYR A 215 3.02 7.94 11.37
N LEU A 216 2.08 8.82 11.00
CA LEU A 216 2.44 10.09 10.40
C LEU A 216 3.21 10.97 11.38
N ASP A 217 2.85 10.97 12.66
CA ASP A 217 3.66 11.67 13.64
C ASP A 217 5.10 11.12 13.65
N THR A 218 5.27 9.82 13.53
CA THR A 218 6.62 9.25 13.49
C THR A 218 7.44 9.81 12.34
N LEU A 219 6.81 9.93 11.15
CA LEU A 219 7.52 10.46 10.01
C LEU A 219 7.80 11.96 10.14
N TRP A 220 6.86 12.69 10.72
CA TRP A 220 6.95 14.18 10.83
C TRP A 220 7.89 14.52 11.95
N THR A 221 8.02 13.64 12.93
CA THR A 221 8.95 13.90 14.04
C THR A 221 10.37 13.84 13.46
N TRP A 222 10.63 12.86 12.62
CA TRP A 222 11.93 12.82 11.94
C TRP A 222 12.09 14.02 11.00
N THR A 223 11.04 14.34 10.24
CA THR A 223 11.11 15.40 9.24
C THR A 223 11.42 16.75 9.91
N CYS A 224 10.73 17.04 10.99
CA CYS A 224 10.94 18.32 11.67
C CYS A 224 12.36 18.41 12.29
N GLN A 225 12.84 17.29 12.84
CA GLN A 225 14.23 17.18 13.32
C GLN A 225 15.27 17.49 12.24
N ASN A 226 14.98 17.13 11.00
CA ASN A 226 15.91 17.28 9.90
C ASN A 226 15.58 18.46 8.97
N LYS A 227 14.75 19.40 9.42
CA LYS A 227 14.17 20.41 8.54
C LYS A 227 15.17 21.48 8.10
N SER A 228 16.35 21.53 8.72
CA SER A 228 17.39 22.53 8.39
C SER A 228 18.45 21.92 7.51
N ASN A 229 18.38 20.60 7.30
CA ASN A 229 19.31 19.91 6.42
C ASN A 229 18.67 19.81 5.03
N ILE A 230 19.08 20.71 4.14
CA ILE A 230 18.50 20.78 2.77
C ILE A 230 18.58 19.44 1.97
N ALA A 231 19.66 18.69 2.11
CA ALA A 231 19.77 17.36 1.46
C ALA A 231 18.69 16.36 1.91
N SER A 232 18.12 16.59 3.07
CA SER A 232 17.13 15.67 3.64
C SER A 232 15.67 16.16 3.49
N VAL A 233 15.43 17.44 3.74
CA VAL A 233 14.10 17.96 3.92
C VAL A 233 14.01 19.37 3.30
N TRP A 234 12.89 19.62 2.63
CA TRP A 234 12.46 20.92 2.12
C TRP A 234 11.09 21.17 2.73
N PHE A 235 11.01 22.17 3.60
CA PHE A 235 9.84 22.46 4.41
C PHE A 235 9.30 23.86 4.13
N ALA A 236 7.99 23.98 4.09
CA ALA A 236 7.32 25.28 3.98
C ALA A 236 6.05 25.30 4.82
N ALA A 237 5.78 26.42 5.48
CA ALA A 237 4.60 26.56 6.34
C ALA A 237 3.83 27.87 6.01
N SER A 238 2.55 27.93 6.40
CA SER A 238 1.75 29.14 6.26
C SER A 238 2.21 30.11 7.35
N GLY A 239 2.17 31.41 7.05
CA GLY A 239 2.57 32.45 7.99
C GLY A 239 3.80 32.22 8.86
N ASN A 240 3.61 32.32 10.17
CA ASN A 240 4.69 32.21 11.14
C ASN A 240 4.59 30.88 11.87
N ALA A 241 3.94 29.89 11.22
CA ALA A 241 3.71 28.58 11.80
C ALA A 241 4.98 27.74 11.74
N GLY A 242 5.20 26.98 12.82
CA GLY A 242 6.34 26.11 12.89
C GLY A 242 6.01 24.73 12.30
N CYS A 243 7.01 23.86 12.28
CA CYS A 243 6.86 22.46 11.89
C CYS A 243 6.09 21.76 13.01
N MET A 244 5.21 20.80 12.64
CA MET A 244 4.34 20.19 13.62
C MET A 244 4.67 18.70 13.70
N PRO A 245 5.65 18.31 14.50
CA PRO A 245 6.04 16.88 14.53
C PRO A 245 4.97 15.97 15.11
N THR A 246 4.13 16.47 16.01
CA THR A 246 3.17 15.66 16.72
C THR A 246 1.75 16.18 16.65
N MET A 247 1.36 16.74 15.49
CA MET A 247 -0.02 17.22 15.30
C MET A 247 -1.05 16.21 15.75
N HIS A 248 -0.87 14.94 15.39
CA HIS A 248 -1.87 13.96 15.76
C HIS A 248 -2.02 13.77 17.25
N LYS A 249 -0.90 13.48 17.93
CA LYS A 249 -0.90 13.30 19.36
C LYS A 249 -1.45 14.56 20.07
N ASP A 250 -1.10 15.74 19.54
CA ASP A 250 -1.41 16.98 20.25
C ASP A 250 -2.85 17.42 20.06
N THR A 251 -3.48 17.01 18.97
CA THR A 251 -4.78 17.55 18.57
C THR A 251 -5.93 16.57 18.63
N ASN A 252 -5.67 15.27 18.49
CA ASN A 252 -6.71 14.26 18.42
C ASN A 252 -6.64 13.35 19.65
N PRO A 253 -7.75 12.74 20.06
CA PRO A 253 -7.77 11.82 21.22
C PRO A 253 -6.90 10.60 21.03
N LYS A 254 -6.15 10.23 22.06
CA LYS A 254 -5.42 8.96 22.00
C LYS A 254 -6.50 7.85 21.91
N ALA A 255 -7.57 7.99 22.67
CA ALA A 255 -8.70 7.10 22.69
C ALA A 255 -9.69 7.44 21.56
N SER A 256 -9.31 7.14 20.32
CA SER A 256 -10.14 7.39 19.08
C SER A 256 -11.50 6.70 19.23
N PRO A 257 -12.62 7.32 18.84
CA PRO A 257 -13.94 6.68 19.03
C PRO A 257 -14.16 5.41 18.21
N ALA A 258 -14.93 4.46 18.73
CA ALA A 258 -15.32 3.28 18.01
C ALA A 258 -16.47 3.60 17.05
N THR A 259 -16.45 2.93 15.92
CA THR A 259 -17.41 3.14 14.84
C THR A 259 -18.06 1.90 14.30
N GLY A 260 -17.55 0.71 14.63
CA GLY A 260 -18.09 -0.52 14.15
C GLY A 260 -17.49 -1.70 14.89
N ASN A 261 -17.45 -2.85 14.22
CA ASN A 261 -16.95 -4.07 14.90
C ASN A 261 -15.76 -4.73 14.16
N VAL A 262 -15.09 -3.97 13.31
CA VAL A 262 -14.06 -4.54 12.43
C VAL A 262 -12.67 -4.53 13.12
N PRO A 263 -12.03 -5.70 13.25
CA PRO A 263 -10.68 -5.71 13.80
C PRO A 263 -9.62 -5.52 12.71
N VAL A 264 -8.57 -4.75 13.02
CA VAL A 264 -7.59 -4.32 12.04
C VAL A 264 -6.19 -4.29 12.64
N ILE A 265 -5.18 -4.72 11.85
CA ILE A 265 -3.78 -4.41 12.19
C ILE A 265 -3.26 -3.37 11.20
N ALA A 266 -2.93 -2.21 11.72
CA ALA A 266 -2.18 -1.19 10.99
C ALA A 266 -0.71 -1.55 10.97
N VAL A 267 -0.05 -1.49 9.83
CA VAL A 267 1.38 -1.81 9.82
C VAL A 267 2.12 -1.03 8.75
N GLY A 268 3.27 -0.52 9.14
CA GLY A 268 4.13 0.26 8.27
C GLY A 268 5.58 -0.10 8.42
N GLY A 269 6.41 0.76 7.84
CA GLY A 269 7.86 0.60 7.93
C GLY A 269 8.56 1.93 7.91
N LEU A 270 9.77 1.98 8.49
CA LEU A 270 10.56 3.18 8.55
C LEU A 270 11.68 3.25 7.53
N GLY A 271 11.76 2.28 6.61
CA GLY A 271 12.70 2.35 5.51
C GLY A 271 14.10 2.29 6.05
N VAL A 272 14.96 3.16 5.48
CA VAL A 272 16.33 3.32 5.92
C VAL A 272 16.61 4.81 6.16
N GLY A 273 17.22 5.11 7.29
CA GLY A 273 17.74 6.44 7.60
C GLY A 273 16.96 7.21 8.65
N ILE A 274 15.85 6.65 9.12
CA ILE A 274 15.15 7.24 10.25
C ILE A 274 15.61 6.66 11.57
N LYS A 275 15.58 5.36 11.66
CA LYS A 275 15.96 4.60 12.81
C LYS A 275 16.54 3.26 12.31
N ASP A 276 17.70 2.86 12.82
CA ASP A 276 18.43 1.70 12.31
C ASP A 276 18.02 0.33 12.93
N VAL A 277 17.48 0.34 14.15
CA VAL A 277 17.06 -0.87 14.81
C VAL A 277 16.01 -0.53 15.85
N ASP A 278 15.18 -1.52 16.19
CA ASP A 278 14.28 -1.42 17.35
C ASP A 278 15.08 -1.98 18.54
N PRO A 279 15.57 -1.14 19.43
CA PRO A 279 16.43 -1.65 20.53
C PRO A 279 15.73 -2.57 21.47
N LYS A 280 14.41 -2.57 21.49
CA LYS A 280 13.67 -3.53 22.29
C LYS A 280 13.52 -4.92 21.68
N SER A 281 13.79 -5.08 20.38
CA SER A 281 13.54 -6.34 19.73
C SER A 281 14.66 -7.33 20.06
N THR A 282 14.25 -8.57 20.36
CA THR A 282 15.15 -9.72 20.47
C THR A 282 14.90 -10.76 19.37
N PHE A 283 14.31 -10.31 18.26
CA PHE A 283 13.97 -11.13 17.12
C PHE A 283 15.26 -11.76 16.60
N ARG A 284 15.21 -13.03 16.35
CA ARG A 284 16.36 -13.78 15.85
C ARG A 284 15.89 -14.67 14.69
N PRO A 285 15.95 -14.13 13.49
CA PRO A 285 15.36 -14.80 12.35
C PRO A 285 16.27 -15.90 11.84
N ASP A 286 15.69 -16.92 11.24
CA ASP A 286 16.38 -17.86 10.35
C ASP A 286 16.49 -17.26 8.98
N LEU A 287 17.64 -16.76 8.60
CA LEU A 287 17.79 -16.15 7.28
C LEU A 287 18.28 -17.16 6.25
N PRO A 288 16.78 -16.95 5.01
CA PRO A 288 16.96 -18.12 4.15
C PRO A 288 18.27 -17.98 3.43
N THR A 289 18.63 -19.07 2.79
CA THR A 289 19.89 -19.11 2.10
C THR A 289 19.72 -19.31 0.62
N ALA A 290 20.92 -19.26 0.04
CA ALA A 290 21.19 -19.64 -1.33
C ALA A 290 20.01 -19.38 -2.20
N SER A 291 19.94 -18.17 -2.71
CA SER A 291 19.09 -17.96 -3.84
C SER A 291 19.87 -17.17 -4.90
N ASP A 292 19.21 -16.82 -6.02
CA ASP A 292 19.82 -15.96 -7.05
C ASP A 292 19.13 -14.58 -7.07
N THR A 293 18.94 -13.99 -5.90
CA THR A 293 18.22 -12.74 -5.80
C THR A 293 19.13 -11.50 -5.95
N LYS A 294 20.38 -11.62 -5.53
CA LYS A 294 21.32 -10.50 -5.51
C LYS A 294 22.19 -10.53 -6.76
N CYS A 295 21.81 -9.73 -7.75
CA CYS A 295 22.39 -9.81 -9.09
C CYS A 295 23.86 -9.38 -9.10
N VAL A 296 24.21 -8.50 -8.17
CA VAL A 296 25.57 -7.98 -8.08
C VAL A 296 26.16 -8.22 -6.70
N VAL A 297 27.78 -8.73 -6.38
CA VAL A 297 28.14 -9.16 -5.04
C VAL A 297 28.15 -8.00 -4.05
N GLY A 298 28.28 -6.77 -4.57
CA GLY A 298 28.48 -5.59 -3.75
C GLY A 298 27.27 -5.06 -3.00
N LEU A 299 26.07 -5.38 -3.48
CA LEU A 299 24.86 -4.80 -2.94
C LEU A 299 24.58 -5.28 -1.51
N HIS A 300 24.28 -4.33 -0.63
CA HIS A 300 23.77 -4.66 0.70
C HIS A 300 22.28 -4.94 0.59
N ASP A 301 21.86 -6.11 1.04
CA ASP A 301 20.47 -6.58 0.80
C ASP A 301 19.67 -6.42 2.11
N ASN A 302 18.95 -5.32 2.24
CA ASN A 302 18.13 -5.10 3.43
C ASN A 302 16.95 -6.04 3.54
N THR A 303 16.42 -6.47 2.39
CA THR A 303 15.24 -7.34 2.38
C THR A 303 15.50 -8.76 2.92
N ASN A 304 16.64 -9.35 2.52
CA ASN A 304 16.97 -10.74 2.79
C ASN A 304 18.12 -10.99 3.78
N ALA A 305 18.92 -10.00 4.08
CA ALA A 305 20.12 -10.19 4.86
C ALA A 305 20.40 -9.01 5.79
N ASP A 306 19.37 -8.54 6.51
CA ASP A 306 19.61 -7.45 7.46
C ASP A 306 18.56 -7.56 8.58
N ARG A 307 18.94 -8.26 9.64
CA ARG A 307 18.00 -8.46 10.72
C ARG A 307 17.48 -7.14 11.31
N ASP A 308 18.36 -6.19 11.52
CA ASP A 308 17.98 -4.91 12.09
C ASP A 308 16.97 -4.19 11.23
N TYR A 309 17.12 -4.28 9.92
CA TYR A 309 16.14 -3.69 8.97
C TYR A 309 14.73 -4.22 9.19
N ASP A 310 14.57 -5.53 9.36
CA ASP A 310 13.25 -6.10 9.70
C ASP A 310 12.63 -5.48 10.93
N THR A 311 13.42 -5.27 11.97
CA THR A 311 12.85 -4.74 13.20
C THR A 311 12.30 -3.33 13.12
N VAL A 312 12.70 -2.54 12.13
CA VAL A 312 12.15 -1.20 11.93
C VAL A 312 11.22 -1.15 10.69
N ASN A 313 10.99 -2.31 10.08
CA ASN A 313 10.12 -2.46 8.92
C ASN A 313 9.19 -3.64 9.14
N PRO A 314 8.35 -3.59 10.17
CA PRO A 314 7.48 -4.74 10.48
C PRO A 314 6.56 -5.14 9.32
N GLU A 315 6.24 -4.20 8.44
CA GLU A 315 5.38 -4.54 7.33
C GLU A 315 5.86 -5.73 6.46
N GLU A 316 7.18 -5.85 6.22
CA GLU A 316 7.70 -6.95 5.42
C GLU A 316 7.28 -8.25 6.08
N SER A 317 7.55 -8.33 7.39
CA SER A 317 7.18 -9.56 8.13
C SER A 317 5.65 -9.79 8.24
N ALA A 318 4.91 -8.71 8.36
CA ALA A 318 3.44 -8.79 8.41
C ALA A 318 2.85 -9.40 7.14
N LEU A 319 3.36 -8.98 5.98
CA LEU A 319 2.85 -9.50 4.71
C LEU A 319 3.24 -10.99 4.55
N ARG A 320 4.49 -11.36 4.93
CA ARG A 320 4.91 -12.78 4.92
C ARG A 320 4.09 -13.64 5.90
N ALA A 321 3.71 -13.06 7.03
CA ALA A 321 2.89 -13.76 8.03
C ALA A 321 1.44 -13.89 7.55
N LEU A 322 0.97 -12.91 6.78
CA LEU A 322 -0.41 -12.99 6.26
C LEU A 322 -0.55 -14.15 5.29
N VAL A 323 0.46 -14.29 4.43
CA VAL A 323 0.53 -15.44 3.52
C VAL A 323 0.55 -16.75 4.29
N ALA A 324 1.36 -16.80 5.35
CA ALA A 324 1.57 -18.05 6.11
C ALA A 324 0.31 -18.47 6.90
N SER A 325 -0.60 -17.54 7.12
CA SER A 325 -1.85 -17.79 7.86
C SER A 325 -2.96 -18.45 7.01
N ALA A 326 -2.78 -18.56 5.68
CA ALA A 326 -3.87 -19.00 4.78
C ALA A 326 -4.11 -20.48 4.94
N LYS A 327 -5.36 -20.88 5.08
CA LYS A 327 -5.69 -22.29 5.13
C LYS A 327 -6.19 -22.86 3.80
N GLY A 328 -6.69 -22.01 2.90
CA GLY A 328 -7.34 -22.43 1.68
C GLY A 328 -6.85 -21.82 0.38
N HIS A 329 -6.77 -20.50 0.36
CA HIS A 329 -6.42 -19.80 -0.89
C HIS A 329 -5.91 -18.38 -0.61
N ILE A 330 -4.99 -17.95 -1.45
CA ILE A 330 -4.35 -16.61 -1.35
C ILE A 330 -4.52 -15.93 -2.71
N GLU A 331 -4.96 -14.70 -2.75
CA GLU A 331 -4.94 -13.90 -3.98
C GLU A 331 -4.05 -12.67 -3.79
N ILE A 332 -3.13 -12.45 -4.74
CA ILE A 332 -2.17 -11.37 -4.68
C ILE A 332 -2.34 -10.56 -5.95
N SER A 333 -2.48 -9.24 -5.82
CA SER A 333 -2.56 -8.36 -7.00
C SER A 333 -1.58 -7.25 -6.73
N GLN A 334 -0.59 -7.16 -7.60
CA GLN A 334 0.52 -6.26 -7.48
C GLN A 334 0.88 -5.66 -8.84
N GLN A 335 1.66 -4.60 -8.81
CA GLN A 335 2.41 -4.24 -10.01
C GLN A 335 3.40 -5.33 -10.39
N ASP A 336 4.15 -5.82 -9.39
CA ASP A 336 5.24 -6.78 -9.57
C ASP A 336 5.45 -7.57 -8.30
N LEU A 337 6.04 -8.75 -8.45
CA LEU A 337 6.57 -9.46 -7.31
C LEU A 337 8.11 -9.28 -7.20
N ASN A 338 8.76 -8.96 -8.34
CA ASN A 338 10.19 -8.82 -8.41
C ASN A 338 10.59 -7.37 -8.70
N ALA A 339 11.77 -6.99 -8.23
CA ALA A 339 12.28 -5.61 -8.36
C ALA A 339 13.41 -5.62 -9.38
N THR A 340 13.79 -4.43 -9.83
CA THR A 340 14.94 -4.29 -10.73
C THR A 340 16.25 -4.26 -9.95
N CYS A 341 17.16 -5.12 -10.37
CA CYS A 341 18.43 -5.25 -9.70
C CYS A 341 19.52 -4.92 -10.72
N PRO A 342 20.49 -4.07 -10.36
CA PRO A 342 20.52 -3.27 -9.14
C PRO A 342 19.53 -2.09 -9.25
N PRO A 343 19.34 -1.30 -8.20
CA PRO A 343 19.99 -1.39 -6.89
C PRO A 343 19.36 -2.33 -5.85
N LEU A 344 18.23 -2.94 -6.15
CA LEU A 344 17.52 -3.79 -5.18
C LEU A 344 17.75 -5.27 -5.53
N PRO A 345 17.64 -6.18 -4.57
CA PRO A 345 17.65 -7.60 -4.91
C PRO A 345 16.39 -7.92 -5.70
N ARG A 346 16.43 -8.98 -6.48
CA ARG A 346 15.34 -9.28 -7.38
C ARG A 346 14.06 -9.67 -6.64
N TYR A 347 14.18 -10.41 -5.54
CA TYR A 347 12.96 -10.84 -4.84
C TYR A 347 13.16 -11.08 -3.35
N ASP A 348 12.05 -11.07 -2.62
CA ASP A 348 12.05 -11.41 -1.23
C ASP A 348 12.00 -12.96 -1.04
N ILE A 349 13.09 -13.51 -0.58
CA ILE A 349 13.24 -14.97 -0.54
C ILE A 349 12.22 -15.54 0.40
N ARG A 350 12.10 -14.94 1.58
CA ARG A 350 11.15 -15.48 2.58
C ARG A 350 9.70 -15.44 2.12
N LEU A 351 9.33 -14.45 1.32
CA LEU A 351 7.99 -14.42 0.74
C LEU A 351 7.78 -15.55 -0.25
N TYR A 352 8.70 -15.74 -1.18
CA TYR A 352 8.55 -16.87 -2.11
C TYR A 352 8.58 -18.22 -1.39
N ASP A 353 9.37 -18.34 -0.34
CA ASP A 353 9.41 -19.57 0.45
C ASP A 353 8.05 -19.77 1.14
N ALA A 354 7.43 -18.69 1.62
CA ALA A 354 6.11 -18.84 2.23
C ALA A 354 5.05 -19.25 1.24
N LEU A 355 5.11 -18.71 0.03
CA LEU A 355 4.16 -19.13 -1.02
C LEU A 355 4.39 -20.61 -1.40
N ALA A 356 5.66 -21.00 -1.51
CA ALA A 356 6.03 -22.37 -1.88
C ALA A 356 5.52 -23.33 -0.79
N ALA A 357 5.66 -22.94 0.47
CA ALA A 357 5.26 -23.82 1.61
C ALA A 357 3.75 -24.08 1.52
N LYS A 358 3.00 -23.04 1.16
CA LYS A 358 1.58 -23.12 1.01
C LYS A 358 1.15 -24.01 -0.16
N MET A 359 1.74 -23.83 -1.34
CA MET A 359 1.41 -24.68 -2.49
C MET A 359 1.78 -26.17 -2.25
N ALA A 360 2.88 -26.41 -1.56
CA ALA A 360 3.31 -27.78 -1.21
C ALA A 360 2.27 -28.45 -0.34
N ALA A 361 1.52 -27.64 0.43
CA ALA A 361 0.45 -28.17 1.30
C ALA A 361 -0.95 -28.05 0.70
N GLY A 362 -1.02 -27.76 -0.60
CA GLY A 362 -2.28 -27.72 -1.31
C GLY A 362 -3.13 -26.47 -1.21
N VAL A 363 -2.54 -25.41 -0.67
CA VAL A 363 -3.22 -24.12 -0.58
C VAL A 363 -3.03 -23.40 -1.92
N LYS A 364 -4.09 -22.86 -2.50
CA LYS A 364 -4.03 -22.31 -3.86
C LYS A 364 -3.48 -20.89 -3.79
N VAL A 365 -2.67 -20.52 -4.78
CA VAL A 365 -2.06 -19.18 -4.83
C VAL A 365 -2.42 -18.56 -6.18
N ARG A 366 -2.94 -17.33 -6.18
CA ARG A 366 -3.17 -16.57 -7.43
C ARG A 366 -2.30 -15.33 -7.37
N ILE A 367 -1.49 -15.10 -8.40
CA ILE A 367 -0.71 -13.86 -8.54
C ILE A 367 -1.05 -13.25 -9.89
N VAL A 368 -1.52 -12.02 -9.86
CA VAL A 368 -1.76 -11.20 -11.03
C VAL A 368 -0.86 -9.98 -10.92
N VAL A 369 -0.02 -9.77 -11.94
CA VAL A 369 0.88 -8.63 -12.01
C VAL A 369 0.60 -7.78 -13.26
N SER A 370 1.27 -6.64 -13.34
CA SER A 370 1.10 -5.72 -14.49
C SER A 370 1.82 -6.33 -15.71
N ASP A 371 1.26 -6.04 -16.88
CA ASP A 371 1.72 -6.57 -18.16
C ASP A 371 3.15 -6.08 -18.38
N PRO A 372 4.10 -6.99 -18.61
CA PRO A 372 5.46 -6.58 -18.92
C PRO A 372 5.55 -5.59 -20.11
N ALA A 373 4.53 -5.53 -20.96
CA ALA A 373 4.54 -4.58 -22.08
C ALA A 373 4.55 -3.13 -21.62
N ASN A 374 4.24 -2.91 -20.34
CA ASN A 374 4.33 -1.56 -19.79
C ASN A 374 5.74 -1.00 -19.81
N ARG A 375 6.72 -1.87 -19.58
CA ARG A 375 8.13 -1.48 -19.41
C ARG A 375 8.67 -0.35 -20.30
N GLY A 376 8.49 -0.40 -21.63
CA GLY A 376 7.90 -1.53 -22.35
C GLY A 376 8.11 -1.41 -23.84
N GLY A 382 7.96 2.18 -16.17
CA GLY A 382 7.44 2.53 -14.86
C GLY A 382 6.61 1.41 -14.21
N TYR A 383 5.64 0.85 -14.93
CA TYR A 383 4.61 -0.07 -14.31
C TYR A 383 4.82 -1.56 -14.58
N SER A 384 6.07 -1.97 -14.83
CA SER A 384 6.45 -3.38 -14.76
C SER A 384 7.97 -3.47 -14.61
N GLN A 385 8.43 -4.46 -13.85
CA GLN A 385 9.86 -4.69 -13.66
C GLN A 385 10.33 -6.08 -14.07
N ILE A 386 9.52 -6.80 -14.82
CA ILE A 386 9.94 -8.09 -15.39
C ILE A 386 9.71 -8.10 -16.88
N LYS A 387 10.46 -8.96 -17.56
CA LYS A 387 10.22 -9.20 -18.98
C LYS A 387 9.16 -10.24 -19.24
N SER A 388 9.00 -11.19 -18.33
CA SER A 388 8.14 -12.34 -18.55
C SER A 388 7.67 -12.92 -17.20
N LEU A 389 6.45 -13.44 -17.18
CA LEU A 389 5.91 -14.21 -16.04
C LEU A 389 6.83 -15.37 -15.63
N SER A 390 7.66 -15.87 -16.53
CA SER A 390 8.59 -16.91 -16.19
C SER A 390 9.54 -16.51 -15.06
N GLU A 391 9.76 -15.20 -14.92
CA GLU A 391 10.60 -14.72 -13.86
C GLU A 391 9.97 -14.97 -12.49
N ILE A 392 8.65 -15.06 -12.43
CA ILE A 392 7.91 -15.42 -11.19
C ILE A 392 7.84 -16.94 -11.05
N SER A 393 7.36 -17.61 -12.09
CA SER A 393 7.23 -19.08 -12.01
C SER A 393 8.54 -19.83 -11.79
N ASP A 394 9.60 -19.45 -12.49
CA ASP A 394 10.92 -20.06 -12.22
C ASP A 394 11.33 -20.00 -10.77
N THR A 395 11.15 -18.84 -10.15
CA THR A 395 11.57 -18.62 -8.78
C THR A 395 10.72 -19.47 -7.82
N LEU A 396 9.41 -19.46 -8.03
CA LEU A 396 8.52 -20.25 -7.16
C LEU A 396 8.91 -21.74 -7.30
N ARG A 397 9.11 -22.18 -8.55
CA ARG A 397 9.49 -23.57 -8.81
C ARG A 397 10.80 -23.90 -8.08
N ASN A 398 11.81 -23.05 -8.18
CA ASN A 398 13.08 -23.31 -7.51
C ASN A 398 12.97 -23.38 -6.01
N ARG A 399 12.13 -22.53 -5.43
CA ARG A 399 11.94 -22.58 -3.99
C ARG A 399 11.10 -23.80 -3.58
N LEU A 400 10.19 -24.20 -4.44
CA LEU A 400 9.40 -25.41 -4.20
C LEU A 400 10.28 -26.65 -4.25
N ALA A 401 11.26 -26.64 -5.15
CA ALA A 401 12.21 -27.78 -5.26
C ALA A 401 12.93 -28.09 -3.94
N ASN A 402 13.23 -27.07 -3.15
CA ASN A 402 13.87 -27.29 -1.86
C ASN A 402 13.02 -28.11 -0.88
N ILE A 403 11.69 -28.08 -1.00
CA ILE A 403 10.79 -28.74 -0.06
C ILE A 403 9.90 -29.87 -0.64
N THR A 404 9.95 -30.10 -1.95
CA THR A 404 9.27 -31.22 -2.60
C THR A 404 10.22 -32.30 -3.15
N GLY A 405 11.53 -32.08 -2.95
CA GLY A 405 12.60 -33.03 -3.26
C GLY A 405 13.21 -33.00 -4.65
N GLY A 406 12.89 -32.00 -5.46
CA GLY A 406 13.44 -31.88 -6.80
C GLY A 406 12.57 -31.06 -7.72
N GLN A 407 13.12 -30.78 -8.88
CA GLN A 407 12.49 -29.91 -9.85
C GLN A 407 11.20 -30.44 -10.44
N GLN A 408 11.12 -31.77 -10.63
CA GLN A 408 9.93 -32.37 -11.23
C GLN A 408 8.71 -32.21 -10.30
N ALA A 409 8.90 -32.57 -9.03
CA ALA A 409 7.83 -32.55 -7.97
C ALA A 409 7.40 -31.12 -7.61
N ALA A 410 8.57 -30.17 -7.91
CA ALA A 410 8.29 -28.74 -7.77
C ALA A 410 7.35 -28.25 -8.84
N LYS A 411 7.58 -28.66 -10.10
CA LYS A 411 6.72 -28.22 -11.18
C LYS A 411 5.30 -28.76 -11.02
N THR A 412 5.18 -30.01 -10.57
CA THR A 412 3.85 -30.57 -10.38
C THR A 412 3.04 -29.81 -9.30
N ALA A 413 3.68 -29.51 -8.18
CA ALA A 413 3.05 -28.78 -7.05
C ALA A 413 2.60 -27.41 -7.54
N MET A 414 3.46 -26.79 -8.34
CA MET A 414 3.18 -25.44 -8.83
C MET A 414 1.98 -25.48 -9.80
N CYS A 415 1.96 -26.42 -10.75
CA CYS A 415 0.87 -26.50 -11.71
C CYS A 415 -0.49 -26.93 -11.14
N SER A 416 -0.48 -27.65 -10.01
CA SER A 416 -1.68 -28.13 -9.37
C SER A 416 -2.22 -27.05 -8.41
N ASN A 417 -1.46 -25.96 -8.15
CA ASN A 417 -1.86 -25.02 -7.08
C ASN A 417 -1.69 -23.51 -7.40
N LEU A 418 -1.30 -23.16 -8.60
CA LEU A 418 -0.97 -21.76 -8.95
C LEU A 418 -1.84 -21.24 -10.06
N GLN A 419 -2.21 -19.97 -9.94
CA GLN A 419 -2.79 -19.18 -11.04
C GLN A 419 -1.82 -18.01 -11.13
N LEU A 420 -1.19 -17.84 -12.30
CA LEU A 420 -0.21 -16.77 -12.59
C LEU A 420 -0.55 -16.10 -13.91
N ALA A 421 -0.76 -14.79 -13.90
CA ALA A 421 -1.27 -14.07 -15.09
C ALA A 421 -0.94 -12.60 -15.04
N THR A 422 -1.17 -11.89 -16.14
CA THR A 422 -1.07 -10.47 -16.15
C THR A 422 -2.46 -9.88 -16.23
N PHE A 423 -2.56 -8.63 -15.83
CA PHE A 423 -3.85 -7.99 -15.61
C PHE A 423 -4.51 -7.50 -16.88
N ARG A 424 -5.82 -7.77 -16.98
CA ARG A 424 -6.71 -7.03 -17.86
C ARG A 424 -8.02 -6.68 -17.18
N SER A 425 -8.67 -5.61 -17.63
CA SER A 425 -9.96 -5.23 -17.07
C SER A 425 -11.15 -5.33 -18.04
N SER A 426 -10.89 -5.76 -19.26
CA SER A 426 -11.95 -6.00 -20.23
C SER A 426 -11.49 -7.15 -21.13
N PRO A 427 -12.35 -7.59 -22.05
CA PRO A 427 -12.00 -8.68 -22.97
C PRO A 427 -10.77 -8.44 -23.84
N ASN A 428 -10.42 -7.19 -24.05
CA ASN A 428 -9.33 -6.80 -24.95
C ASN A 428 -7.96 -6.98 -24.28
N GLY A 429 -6.95 -7.41 -25.03
CA GLY A 429 -5.60 -7.56 -24.49
C GLY A 429 -4.96 -6.27 -24.02
N LYS A 430 -5.38 -5.12 -24.58
CA LYS A 430 -4.95 -3.79 -24.18
C LYS A 430 -6.14 -2.84 -24.09
N TRP A 431 -5.93 -1.63 -23.62
CA TRP A 431 -6.96 -0.63 -23.66
C TRP A 431 -7.29 -0.38 -25.13
N ALA A 432 -8.48 0.15 -25.38
CA ALA A 432 -8.87 0.49 -26.78
C ALA A 432 -7.89 1.50 -27.39
N ASP A 433 -7.29 2.38 -26.58
CA ASP A 433 -6.31 3.34 -27.13
C ASP A 433 -4.96 2.75 -27.48
N GLY A 434 -4.79 1.45 -27.29
CA GLY A 434 -3.62 0.68 -27.70
C GLY A 434 -2.53 0.50 -26.63
N HIS A 435 -2.66 1.23 -25.53
CA HIS A 435 -1.71 1.16 -24.41
C HIS A 435 -2.01 -0.06 -23.52
N PRO A 436 -0.99 -0.77 -23.02
CA PRO A 436 -1.24 -1.88 -22.09
C PRO A 436 -1.92 -1.39 -20.82
N TYR A 437 -2.67 -2.29 -20.20
CA TYR A 437 -3.21 -2.02 -18.87
C TYR A 437 -2.04 -1.96 -17.87
N ALA A 438 -1.99 -0.92 -17.06
CA ALA A 438 -1.06 -0.80 -15.93
C ALA A 438 -1.82 -1.11 -14.67
N GLN A 439 -1.22 -1.93 -13.81
CA GLN A 439 -1.82 -2.24 -12.52
C GLN A 439 -0.84 -1.82 -11.44
N HIS A 440 -1.35 -1.33 -10.32
CA HIS A 440 -0.49 -0.79 -9.27
C HIS A 440 -1.02 -1.12 -7.86
N HIS A 441 -1.99 -2.05 -7.75
CA HIS A 441 -2.48 -2.47 -6.40
C HIS A 441 -1.31 -2.99 -5.55
N LYS A 442 -1.47 -2.84 -4.23
CA LYS A 442 -0.66 -3.54 -3.24
C LYS A 442 -1.61 -4.36 -2.37
N LEU A 443 -2.08 -5.48 -2.93
CA LEU A 443 -3.27 -6.17 -2.41
C LEU A 443 -2.94 -7.63 -2.17
N VAL A 444 -3.30 -8.11 -1.00
CA VAL A 444 -3.20 -9.54 -0.68
C VAL A 444 -4.50 -9.91 0.06
N SER A 445 -5.19 -10.95 -0.37
CA SER A 445 -6.36 -11.44 0.36
C SER A 445 -6.17 -12.96 0.59
N VAL A 446 -6.57 -13.41 1.79
CA VAL A 446 -6.55 -14.84 2.07
C VAL A 446 -7.89 -15.33 2.56
N ASP A 447 -8.28 -16.52 2.10
CA ASP A 447 -9.42 -17.27 2.67
C ASP A 447 -10.76 -16.60 2.58
N SER A 448 -10.89 -15.64 1.67
CA SER A 448 -12.05 -14.75 1.64
C SER A 448 -12.37 -14.30 3.06
N SER A 449 -11.31 -13.91 3.79
CA SER A 449 -11.41 -13.60 5.21
C SER A 449 -10.64 -12.35 5.56
N THR A 450 -9.36 -12.34 5.24
CA THR A 450 -8.45 -11.32 5.74
C THR A 450 -7.59 -10.79 4.60
N PHE A 451 -7.51 -9.46 4.50
CA PHE A 451 -6.81 -8.83 3.38
C PHE A 451 -5.96 -7.61 3.79
N TYR A 452 -4.89 -7.38 3.03
CA TYR A 452 -4.07 -6.20 3.13
C TYR A 452 -4.37 -5.28 1.94
N ILE A 453 -4.58 -4.02 2.26
CA ILE A 453 -4.59 -2.92 1.29
C ILE A 453 -3.73 -1.81 1.87
N GLY A 454 -2.76 -1.34 1.08
CA GLY A 454 -1.86 -0.27 1.51
C GLY A 454 -0.92 0.12 0.39
N SER A 455 0.22 0.66 0.78
CA SER A 455 1.20 1.16 -0.15
C SER A 455 2.42 0.24 -0.30
N LYS A 456 2.56 -0.80 0.54
CA LYS A 456 3.73 -1.62 0.56
C LYS A 456 3.74 -2.69 -0.55
N ASN A 457 4.61 -2.53 -1.54
CA ASN A 457 4.77 -3.53 -2.60
C ASN A 457 5.39 -4.82 -2.04
N LEU A 458 5.06 -5.93 -2.67
CA LEU A 458 5.64 -7.21 -2.27
C LEU A 458 7.06 -7.44 -2.87
N TYR A 459 7.41 -6.65 -3.90
CA TYR A 459 8.77 -6.68 -4.45
C TYR A 459 9.71 -5.93 -3.49
N PRO A 460 11.01 -6.27 -3.43
CA PRO A 460 11.95 -5.54 -2.57
C PRO A 460 11.88 -4.03 -2.76
N SER A 461 11.76 -3.33 -1.62
CA SER A 461 11.68 -1.88 -1.57
C SER A 461 11.96 -1.47 -0.14
N TRP A 462 12.67 -0.34 0.05
CA TRP A 462 13.20 0.06 1.33
C TRP A 462 12.70 1.46 1.70
N LEU A 463 11.44 1.74 1.37
CA LEU A 463 10.80 3.01 1.59
C LEU A 463 9.95 3.02 2.87
N GLN A 464 9.52 4.20 3.30
CA GLN A 464 8.51 4.31 4.36
C GLN A 464 7.14 4.00 3.73
N ASP A 465 6.51 2.94 4.21
CA ASP A 465 5.20 2.50 3.72
C ASP A 465 4.19 2.21 4.85
N PHE A 466 2.93 1.98 4.50
CA PHE A 466 1.84 1.85 5.46
C PHE A 466 0.66 1.13 4.83
N GLY A 467 -0.05 0.35 5.62
CA GLY A 467 -1.29 -0.25 5.17
C GLY A 467 -2.10 -0.85 6.29
N TYR A 468 -3.26 -1.39 5.92
CA TYR A 468 -4.10 -2.08 6.86
C TYR A 468 -4.33 -3.56 6.52
N ILE A 469 -4.32 -4.40 7.53
CA ILE A 469 -4.75 -5.79 7.43
C ILE A 469 -6.10 -5.93 8.15
N VAL A 470 -7.14 -6.28 7.43
CA VAL A 470 -8.52 -6.28 7.92
C VAL A 470 -9.02 -7.72 7.92
N GLU A 471 -9.55 -8.21 9.06
CA GLU A 471 -10.14 -9.54 9.13
C GLU A 471 -11.67 -9.37 9.28
N SER A 472 -12.37 -9.54 8.15
CA SER A 472 -13.83 -9.40 8.06
C SER A 472 -14.30 -10.21 6.85
N PRO A 473 -14.76 -11.44 7.04
CA PRO A 473 -15.26 -12.21 5.88
C PRO A 473 -16.30 -11.49 5.02
N GLU A 474 -17.19 -10.73 5.65
CA GLU A 474 -18.11 -9.89 4.91
C GLU A 474 -17.41 -8.93 3.94
N ALA A 475 -16.47 -8.14 4.43
CA ALA A 475 -15.71 -7.24 3.59
C ALA A 475 -14.86 -7.97 2.54
N ALA A 476 -14.34 -9.13 2.91
CA ALA A 476 -13.49 -9.89 2.00
C ALA A 476 -14.34 -10.43 0.84
N LYS A 477 -15.57 -10.77 1.14
CA LYS A 477 -16.52 -11.19 0.11
C LYS A 477 -16.89 -10.06 -0.84
N GLN A 478 -17.02 -8.85 -0.33
CA GLN A 478 -17.29 -7.67 -1.13
C GLN A 478 -16.07 -7.39 -2.01
N LEU A 479 -14.86 -7.54 -1.46
CA LEU A 479 -13.62 -7.41 -2.25
C LEU A 479 -13.57 -8.44 -3.40
N ASP A 480 -14.05 -9.65 -3.12
CA ASP A 480 -14.11 -10.66 -4.17
C ASP A 480 -15.04 -10.23 -5.29
N ALA A 481 -16.26 -9.83 -4.92
CA ALA A 481 -17.29 -9.53 -5.94
C ALA A 481 -16.91 -8.32 -6.75
N LYS A 482 -16.33 -7.30 -6.09
CA LYS A 482 -16.14 -6.00 -6.72
C LYS A 482 -14.78 -5.83 -7.39
N LEU A 483 -13.79 -6.65 -7.01
CA LEU A 483 -12.40 -6.51 -7.53
C LEU A 483 -11.77 -7.81 -7.97
N LEU A 484 -11.64 -8.80 -7.08
CA LEU A 484 -10.85 -9.94 -7.45
C LEU A 484 -11.56 -10.84 -8.48
N ASP A 485 -12.88 -10.98 -8.35
CA ASP A 485 -13.63 -11.79 -9.34
C ASP A 485 -13.61 -11.13 -10.74
N PRO A 486 -13.97 -9.84 -10.89
CA PRO A 486 -13.85 -9.18 -12.22
C PRO A 486 -12.41 -9.22 -12.71
N GLN A 487 -11.42 -9.04 -11.83
CA GLN A 487 -10.04 -9.14 -12.28
C GLN A 487 -9.74 -10.48 -12.90
N TRP A 488 -10.10 -11.59 -12.23
CA TRP A 488 -9.76 -12.90 -12.75
C TRP A 488 -10.57 -13.23 -14.03
N LYS A 489 -11.80 -12.75 -14.09
CA LYS A 489 -12.69 -12.96 -15.25
C LYS A 489 -11.95 -12.59 -16.55
N TYR A 490 -11.36 -11.39 -16.57
CA TYR A 490 -10.65 -10.82 -17.73
C TYR A 490 -9.17 -11.20 -17.76
N SER A 491 -8.53 -11.35 -16.60
CA SER A 491 -7.11 -11.58 -16.56
C SER A 491 -6.74 -13.03 -16.85
N GLN A 492 -7.67 -13.98 -16.62
CA GLN A 492 -7.31 -15.42 -16.70
C GLN A 492 -6.83 -15.84 -18.11
N GLU A 493 -7.19 -15.07 -19.12
CA GLU A 493 -6.77 -15.38 -20.52
C GLU A 493 -5.28 -15.24 -20.75
N THR A 494 -4.58 -14.46 -19.93
CA THR A 494 -3.13 -14.37 -20.05
C THR A 494 -2.36 -15.38 -19.20
N ALA A 495 -3.05 -16.27 -18.49
CA ALA A 495 -2.36 -17.14 -17.54
C ALA A 495 -1.42 -18.07 -18.20
N THR A 496 -0.22 -18.13 -17.65
CA THR A 496 0.77 -19.14 -17.98
C THR A 496 0.59 -20.35 -17.13
N VAL A 497 0.03 -20.20 -15.93
CA VAL A 497 -0.27 -21.36 -15.10
C VAL A 497 -1.67 -21.14 -14.53
N ASP A 498 -2.54 -22.16 -14.62
CA ASP A 498 -3.87 -22.04 -14.04
C ASP A 498 -4.32 -23.42 -13.68
N TYR A 499 -4.13 -23.80 -12.41
CA TYR A 499 -4.59 -25.08 -11.92
C TYR A 499 -6.05 -25.41 -12.22
N ALA A 500 -6.93 -24.41 -12.24
CA ALA A 500 -8.38 -24.62 -12.40
C ALA A 500 -8.78 -25.05 -13.81
N ARG A 501 -7.93 -24.76 -14.78
CA ARG A 501 -8.18 -25.16 -16.18
C ARG A 501 -7.09 -26.08 -16.71
N GLY A 502 -6.21 -26.55 -15.85
CA GLY A 502 -5.14 -27.47 -16.24
C GLY A 502 -4.04 -26.90 -17.13
N ILE A 503 -3.83 -25.58 -17.07
CA ILE A 503 -2.78 -24.92 -17.84
C ILE A 503 -1.47 -24.89 -17.07
N CYS A 504 -0.39 -25.30 -17.73
CA CYS A 504 0.90 -25.50 -17.11
C CYS A 504 2.01 -25.25 -18.12
N ASN A 505 2.18 -23.98 -18.49
CA ASN A 505 3.06 -23.56 -19.60
C ASN A 505 4.21 -22.73 -19.05
N ALA A 506 5.12 -23.33 -18.30
CA ALA A 506 6.07 -22.53 -17.52
C ALA A 506 7.43 -23.18 -17.33
W WO5 B . 5.08 3.32 -6.01
O1 WO5 B . 6.98 4.25 -6.17
O2 WO5 B . 3.71 1.80 -5.66
O3 WO5 B . 4.87 3.31 -8.01
O4 WO5 B . 6.55 1.83 -6.08
O5 WO5 B . 4.09 4.96 -5.73
#